data_4CT0
#
_entry.id   4CT0
#
_cell.length_a   99.736
_cell.length_b   99.736
_cell.length_c   178.632
_cell.angle_alpha   90.00
_cell.angle_beta   90.00
_cell.angle_gamma   90.00
#
_symmetry.space_group_name_H-M   'P 43 21 2'
#
loop_
_entity.id
_entity.type
_entity.pdbx_description
1 polymer CRYPTOCHROME-1
2 polymer 'PERIOD CIRCADIAN PROTEIN HOMOLOG 2'
3 non-polymer 'ZINC ION'
4 non-polymer 'CHLORIDE ION'
5 non-polymer 'HEXAETHYLENE GLYCOL'
6 water water
#
loop_
_entity_poly.entity_id
_entity_poly.type
_entity_poly.pdbx_seq_one_letter_code
_entity_poly.pdbx_strand_id
1 'polypeptide(L)'
;MGVNAVHWFRKGLRLHDNPALKECIQGADTIRCVYILDPWFAGSSNVGINRWRFLLQCLEDLDANLRKLNSRLFVIRGQP
ADVFPRLFKEWNITKLSIEYDSEPFGKERDAAIKKLATEAGVEVIVRISHTLYDLDKIIELNGGQPPLTYKRFQTLVSKM
EPLEMPADTITSDVIGKCMTPLSDDHDEKYGVPSLEELGFDTDGLSSAVWPGGETEALTRLERHLERKAWVANFERPRMN
ANSLLASPTGLSPYLRFGCLSCRLFYFKLTDLYKKVKKNSSPPLSLYGQLLWREFFYTAATNNPRFDKMEGNPICVQIPW
DKNPEALAKWAEGRTGFPWIDAIMTQLRQEGWIHHLARHAVACFLTRGDLWISWEEGMKVFEELLLDADWSINAGSWMWL
SCSSFFQQFFHCYCPVGFGRRTDPNGDYIRRYLPVLRGFPAKYIYDPWNAPEGIQKVAKCLIGVNYPKPMVNHAEASRLN
IERMKQIYQQLSRYRGAAALEHHHHHH
;
A
2 'polypeptide(L)'
;MKHHHHHHSAGLEVLFQGPDSMYVLQDPIWLLMANTDDSIMMTYQLPSRDLQAVLKEDQEKLKLLQRSQPRFTEGQRREL
REVHPWVHTGGLPTAIDVTGCVYCESEEKGNICLPYEEDSPSPGLCDTSEAKEEEGEQLTGPR
;
B
#
loop_
_chem_comp.id
_chem_comp.type
_chem_comp.name
_chem_comp.formula
CL non-polymer 'CHLORIDE ION' 'Cl -1'
P6G non-polymer 'HEXAETHYLENE GLYCOL' 'C12 H26 O7'
ZN non-polymer 'ZINC ION' 'Zn 2'
#
# COMPACT_ATOMS: atom_id res chain seq x y z
N VAL A 3 32.45 -23.20 7.75
CA VAL A 3 31.06 -23.15 7.33
C VAL A 3 30.37 -21.93 7.94
N ASN A 4 30.04 -20.95 7.11
CA ASN A 4 29.45 -19.72 7.63
C ASN A 4 28.18 -19.31 6.87
N ALA A 5 27.06 -19.20 7.60
CA ALA A 5 25.75 -18.94 6.99
C ALA A 5 25.13 -17.57 7.33
N VAL A 6 24.51 -16.96 6.32
CA VAL A 6 23.88 -15.66 6.48
C VAL A 6 22.43 -15.66 6.05
N HIS A 7 21.55 -15.25 6.95
CA HIS A 7 20.17 -15.04 6.56
C HIS A 7 19.95 -13.57 6.28
N TRP A 8 19.38 -13.28 5.12
CA TRP A 8 19.15 -11.91 4.69
C TRP A 8 17.67 -11.53 4.83
N PHE A 9 17.38 -10.69 5.81
CA PHE A 9 16.04 -10.23 6.08
C PHE A 9 15.68 -9.10 5.12
N ARG A 10 14.47 -9.15 4.56
CA ARG A 10 13.93 -8.03 3.79
C ARG A 10 12.49 -7.75 4.24
N LYS A 11 11.57 -8.63 3.87
CA LYS A 11 10.18 -8.48 4.28
C LYS A 11 9.71 -9.52 5.29
N GLY A 12 10.58 -10.39 5.75
CA GLY A 12 10.09 -11.36 6.70
C GLY A 12 10.67 -11.12 8.07
N LEU A 13 10.40 -9.95 8.67
CA LEU A 13 11.06 -9.54 9.90
C LEU A 13 10.44 -10.20 11.13
N ARG A 14 10.72 -11.49 11.27
CA ARG A 14 10.16 -12.26 12.37
C ARG A 14 10.99 -13.52 12.58
N LEU A 15 10.75 -14.19 13.70
CA LEU A 15 11.44 -15.42 14.05
C LEU A 15 10.51 -16.59 13.93
N HIS A 16 9.22 -16.34 14.13
CA HIS A 16 8.24 -17.40 13.86
C HIS A 16 8.08 -17.60 12.34
N ASP A 17 7.59 -18.78 11.96
CA ASP A 17 7.34 -19.17 10.57
C ASP A 17 8.37 -18.66 9.56
N ASN A 18 9.64 -18.92 9.84
CA ASN A 18 10.72 -18.50 8.95
C ASN A 18 11.47 -19.69 8.38
N PRO A 19 10.88 -20.36 7.37
CA PRO A 19 11.47 -21.58 6.80
C PRO A 19 12.90 -21.37 6.31
N ALA A 20 13.17 -20.21 5.71
CA ALA A 20 14.48 -19.95 5.14
C ALA A 20 15.56 -19.80 6.23
N LEU A 21 15.22 -19.14 7.32
CA LEU A 21 16.15 -19.01 8.44
C LEU A 21 16.42 -20.38 9.04
N LYS A 22 15.35 -21.10 9.38
CA LYS A 22 15.47 -22.43 9.93
C LYS A 22 16.32 -23.35 9.08
N GLU A 23 16.19 -23.23 7.76
CA GLU A 23 16.92 -24.11 6.85
C GLU A 23 18.39 -23.73 6.77
N CYS A 24 18.67 -22.44 6.87
CA CYS A 24 20.04 -21.94 6.92
C CYS A 24 20.76 -22.52 8.15
N ILE A 25 20.02 -22.71 9.22
CA ILE A 25 20.55 -23.34 10.43
C ILE A 25 20.43 -24.86 10.33
N GLN A 26 21.15 -25.41 9.36
CA GLN A 26 21.26 -26.85 9.26
C GLN A 26 22.72 -27.09 8.94
N GLY A 27 23.46 -27.64 9.91
CA GLY A 27 24.88 -27.84 9.76
C GLY A 27 25.59 -26.55 9.43
N ALA A 28 25.20 -25.49 10.11
CA ALA A 28 25.65 -24.15 9.75
C ALA A 28 27.01 -23.73 10.35
N ASP A 29 27.30 -24.17 11.57
CA ASP A 29 28.44 -23.68 12.35
C ASP A 29 28.28 -22.22 12.78
N THR A 30 27.97 -21.36 11.81
CA THR A 30 27.90 -19.92 12.01
C THR A 30 26.71 -19.28 11.32
N ILE A 31 25.83 -18.62 12.08
CA ILE A 31 24.72 -17.90 11.49
C ILE A 31 24.84 -16.40 11.75
N ARG A 32 24.46 -15.61 10.76
CA ARG A 32 24.42 -14.15 10.91
C ARG A 32 23.21 -13.60 10.17
N CYS A 33 22.36 -12.90 10.90
CA CYS A 33 21.20 -12.25 10.33
C CYS A 33 21.56 -10.83 9.93
N VAL A 34 21.20 -10.47 8.70
CA VAL A 34 21.56 -9.20 8.10
C VAL A 34 20.38 -8.46 7.47
N TYR A 35 20.31 -7.16 7.70
CA TYR A 35 19.34 -6.33 6.99
C TYR A 35 20.07 -5.17 6.33
N ILE A 36 19.72 -4.89 5.09
CA ILE A 36 20.37 -3.83 4.33
C ILE A 36 19.42 -2.65 4.10
N LEU A 37 19.80 -1.45 4.53
CA LEU A 37 18.92 -0.29 4.43
C LEU A 37 18.65 0.14 3.00
N ASP A 38 17.38 0.04 2.60
CA ASP A 38 16.90 0.47 1.29
C ASP A 38 15.89 1.62 1.39
N PRO A 39 16.30 2.84 0.99
CA PRO A 39 15.43 4.02 1.08
C PRO A 39 14.19 4.01 0.16
N TRP A 40 14.03 2.96 -0.66
CA TRP A 40 12.87 2.88 -1.58
C TRP A 40 11.72 1.98 -1.08
N PHE A 41 11.94 1.29 0.04
CA PHE A 41 10.94 0.38 0.65
C PHE A 41 10.26 -0.54 -0.37
N ALA A 42 11.07 -1.22 -1.17
CA ALA A 42 10.59 -2.20 -2.14
C ALA A 42 9.42 -1.66 -3.00
N GLY A 43 9.50 -0.37 -3.34
CA GLY A 43 8.45 0.30 -4.10
C GLY A 43 9.06 1.39 -4.96
N SER A 44 8.21 2.14 -5.65
CA SER A 44 8.66 3.19 -6.56
C SER A 44 8.81 4.60 -5.93
N SER A 45 8.99 4.66 -4.61
CA SER A 45 9.08 5.95 -3.93
C SER A 45 10.05 5.98 -2.78
N ASN A 46 10.48 7.19 -2.45
CA ASN A 46 11.15 7.48 -1.21
C ASN A 46 10.09 7.79 -0.16
N VAL A 47 10.42 7.53 1.08
CA VAL A 47 9.38 7.31 2.05
C VAL A 47 9.54 8.24 3.27
N GLY A 48 8.44 8.58 3.94
CA GLY A 48 8.45 9.56 5.02
C GLY A 48 8.71 9.02 6.43
N ILE A 49 8.54 9.91 7.43
CA ILE A 49 8.91 9.63 8.84
C ILE A 49 8.19 8.45 9.52
N ASN A 50 6.88 8.36 9.36
CA ASN A 50 6.14 7.22 9.94
C ASN A 50 6.48 5.86 9.33
N ARG A 51 6.75 5.81 8.03
CA ARG A 51 7.13 4.53 7.42
C ARG A 51 8.47 4.10 8.00
N TRP A 52 9.44 5.00 7.97
CA TRP A 52 10.76 4.69 8.50
C TRP A 52 10.75 4.31 9.99
N ARG A 53 10.00 5.03 10.81
CA ARG A 53 9.95 4.71 12.25
C ARG A 53 9.41 3.30 12.43
N PHE A 54 8.39 2.93 11.65
CA PHE A 54 7.82 1.59 11.73
C PHE A 54 8.88 0.51 11.43
N LEU A 55 9.65 0.74 10.37
CA LEU A 55 10.71 -0.20 10.00
C LEU A 55 11.78 -0.33 11.08
N LEU A 56 12.33 0.81 11.51
CA LEU A 56 13.34 0.80 12.58
C LEU A 56 12.88 0.03 13.83
N GLN A 57 11.64 0.25 14.26
CA GLN A 57 11.10 -0.52 15.38
C GLN A 57 10.94 -2.02 15.06
N CYS A 58 10.67 -2.36 13.79
CA CYS A 58 10.72 -3.77 13.37
C CYS A 58 12.13 -4.35 13.53
N LEU A 59 13.11 -3.54 13.19
CA LEU A 59 14.51 -3.94 13.32
C LEU A 59 14.92 -4.09 14.79
N GLU A 60 14.48 -3.18 15.64
CA GLU A 60 14.85 -3.23 17.06
C GLU A 60 14.31 -4.49 17.71
N ASP A 61 13.02 -4.74 17.51
CA ASP A 61 12.37 -5.94 18.06
C ASP A 61 13.08 -7.20 17.57
N LEU A 62 13.38 -7.24 16.29
CA LEU A 62 14.10 -8.36 15.72
C LEU A 62 15.47 -8.47 16.37
N ASP A 63 16.14 -7.33 16.58
CA ASP A 63 17.44 -7.36 17.21
C ASP A 63 17.34 -7.79 18.68
N ALA A 64 16.33 -7.29 19.38
CA ALA A 64 16.11 -7.69 20.77
C ALA A 64 15.78 -9.19 20.88
N ASN A 65 14.89 -9.67 20.03
CA ASN A 65 14.52 -11.08 20.04
C ASN A 65 15.66 -12.00 19.68
N LEU A 66 16.54 -11.54 18.80
CA LEU A 66 17.75 -12.28 18.48
C LEU A 66 18.68 -12.37 19.68
N ARG A 67 18.75 -11.30 20.47
CA ARG A 67 19.58 -11.27 21.68
C ARG A 67 19.23 -12.40 22.64
N LYS A 68 17.95 -12.55 22.91
CA LYS A 68 17.44 -13.67 23.71
C LYS A 68 17.98 -15.02 23.25
N LEU A 69 18.24 -15.16 21.95
CA LEU A 69 18.82 -16.39 21.41
C LEU A 69 20.36 -16.29 21.35
N ASN A 70 20.89 -15.32 22.10
CA ASN A 70 22.33 -15.05 22.18
C ASN A 70 22.97 -14.73 20.84
N SER A 71 22.28 -13.91 20.07
CA SER A 71 22.76 -13.47 18.77
C SER A 71 22.38 -12.01 18.55
N ARG A 72 22.60 -11.51 17.33
CA ARG A 72 22.36 -10.11 16.98
C ARG A 72 21.86 -9.92 15.55
N LEU A 73 21.22 -8.79 15.32
CA LEU A 73 20.90 -8.33 13.99
C LEU A 73 22.08 -7.51 13.48
N PHE A 74 22.44 -7.70 12.21
CA PHE A 74 23.49 -6.89 11.60
C PHE A 74 22.80 -6.00 10.57
N VAL A 75 22.90 -4.70 10.75
CA VAL A 75 22.31 -3.74 9.83
C VAL A 75 23.39 -3.01 9.05
N ILE A 76 23.22 -2.92 7.74
CA ILE A 76 24.22 -2.37 6.83
C ILE A 76 23.61 -1.42 5.79
N ARG A 77 24.22 -0.25 5.59
CA ARG A 77 23.85 0.65 4.53
C ARG A 77 24.61 0.29 3.26
N GLY A 78 23.95 0.38 2.11
CA GLY A 78 24.59 0.14 0.83
C GLY A 78 23.69 -0.60 -0.15
N GLN A 79 24.12 -0.70 -1.40
CA GLN A 79 23.44 -1.54 -2.37
C GLN A 79 23.87 -2.98 -2.13
N PRO A 80 22.89 -3.90 -2.08
CA PRO A 80 23.15 -5.33 -1.91
C PRO A 80 24.30 -5.83 -2.79
N ALA A 81 24.33 -5.41 -4.06
CA ALA A 81 25.38 -5.84 -4.98
C ALA A 81 26.77 -5.44 -4.48
N ASP A 82 26.84 -4.37 -3.71
CA ASP A 82 28.13 -3.90 -3.21
C ASP A 82 28.52 -4.62 -1.92
N VAL A 83 27.54 -4.86 -1.07
CA VAL A 83 27.82 -5.34 0.28
C VAL A 83 28.16 -6.82 0.35
N PHE A 84 27.35 -7.63 -0.30
CA PHE A 84 27.54 -9.08 -0.27
C PHE A 84 28.90 -9.63 -0.70
N PRO A 85 29.47 -9.13 -1.81
CA PRO A 85 30.83 -9.57 -2.18
C PRO A 85 31.85 -9.36 -1.07
N ARG A 86 31.72 -8.29 -0.30
CA ARG A 86 32.65 -8.02 0.79
C ARG A 86 32.43 -9.01 1.91
N LEU A 87 31.16 -9.21 2.28
CA LEU A 87 30.82 -10.10 3.38
C LEU A 87 31.19 -11.53 3.07
N PHE A 88 30.98 -11.93 1.82
CA PHE A 88 31.36 -13.26 1.37
C PHE A 88 32.82 -13.56 1.75
N LYS A 89 33.73 -12.69 1.33
CA LYS A 89 35.15 -12.92 1.58
C LYS A 89 35.49 -12.67 3.04
N GLU A 90 34.89 -11.63 3.62
CA GLU A 90 35.22 -11.18 4.96
C GLU A 90 34.78 -12.14 6.07
N TRP A 91 33.66 -12.82 5.88
CA TRP A 91 33.12 -13.72 6.91
C TRP A 91 33.24 -15.19 6.52
N ASN A 92 33.76 -15.43 5.32
CA ASN A 92 33.94 -16.80 4.79
C ASN A 92 32.62 -17.54 4.59
N ILE A 93 31.66 -16.83 3.99
CA ILE A 93 30.30 -17.34 3.79
C ILE A 93 30.27 -18.52 2.83
N THR A 94 29.41 -19.50 3.14
CA THR A 94 29.11 -20.58 2.22
C THR A 94 27.61 -20.90 2.17
N LYS A 95 26.81 -20.18 2.95
CA LYS A 95 25.37 -20.37 2.90
C LYS A 95 24.67 -19.03 3.07
N LEU A 96 23.75 -18.74 2.14
CA LEU A 96 22.96 -17.52 2.19
C LEU A 96 21.50 -17.85 1.96
N SER A 97 20.62 -17.28 2.79
CA SER A 97 19.20 -17.61 2.70
C SER A 97 18.31 -16.36 2.66
N ILE A 98 17.22 -16.46 1.90
CA ILE A 98 16.24 -15.38 1.78
C ILE A 98 14.82 -15.92 1.68
N GLU A 99 13.87 -15.08 2.04
CA GLU A 99 12.48 -15.31 1.72
C GLU A 99 12.25 -14.85 0.26
N TYR A 100 11.69 -15.73 -0.55
CA TYR A 100 11.33 -15.40 -1.93
C TYR A 100 10.55 -14.09 -2.05
N ASP A 101 10.85 -13.31 -3.07
CA ASP A 101 10.16 -12.05 -3.33
C ASP A 101 9.62 -12.14 -4.77
N SER A 102 8.31 -12.03 -4.93
CA SER A 102 7.71 -12.25 -6.23
C SER A 102 7.73 -10.95 -7.07
N GLU A 103 8.01 -9.83 -6.43
CA GLU A 103 8.01 -8.53 -7.13
C GLU A 103 9.09 -8.48 -8.22
N PRO A 104 8.74 -7.88 -9.37
CA PRO A 104 9.68 -7.87 -10.49
C PRO A 104 11.04 -7.25 -10.13
N PHE A 105 11.03 -6.11 -9.44
CA PHE A 105 12.29 -5.53 -9.02
C PHE A 105 13.07 -6.45 -8.08
N GLY A 106 12.38 -7.11 -7.17
CA GLY A 106 13.02 -8.02 -6.25
C GLY A 106 13.60 -9.25 -6.93
N LYS A 107 12.96 -9.69 -8.02
CA LYS A 107 13.46 -10.85 -8.73
C LYS A 107 14.75 -10.49 -9.46
N GLU A 108 14.79 -9.29 -10.02
CA GLU A 108 15.99 -8.83 -10.72
C GLU A 108 17.15 -8.77 -9.73
N ARG A 109 16.91 -8.11 -8.60
CA ARG A 109 17.90 -7.95 -7.56
C ARG A 109 18.41 -9.31 -7.10
N ASP A 110 17.48 -10.24 -6.87
CA ASP A 110 17.84 -11.52 -6.29
C ASP A 110 18.63 -12.36 -7.27
N ALA A 111 18.37 -12.20 -8.56
CA ALA A 111 19.12 -12.97 -9.56
C ALA A 111 20.56 -12.46 -9.63
N ALA A 112 20.73 -11.16 -9.51
CA ALA A 112 22.05 -10.56 -9.54
C ALA A 112 22.87 -10.99 -8.32
N ILE A 113 22.23 -11.00 -7.15
CA ILE A 113 22.90 -11.46 -5.95
C ILE A 113 23.20 -12.96 -6.00
N LYS A 114 22.23 -13.76 -6.44
CA LYS A 114 22.44 -15.20 -6.60
C LYS A 114 23.57 -15.50 -7.58
N LYS A 115 23.80 -14.60 -8.53
CA LYS A 115 24.91 -14.74 -9.44
C LYS A 115 26.23 -14.49 -8.70
N LEU A 116 26.31 -13.38 -7.96
CA LEU A 116 27.53 -13.07 -7.17
C LEU A 116 27.85 -14.20 -6.19
N ALA A 117 26.82 -14.73 -5.56
CA ALA A 117 27.00 -15.83 -4.61
C ALA A 117 27.59 -17.07 -5.29
N THR A 118 27.02 -17.45 -6.42
CA THR A 118 27.46 -18.64 -7.14
C THR A 118 28.92 -18.57 -7.53
N GLU A 119 29.35 -17.40 -7.99
CA GLU A 119 30.75 -17.22 -8.35
C GLU A 119 31.62 -17.00 -7.12
N ALA A 120 31.04 -17.22 -5.94
CA ALA A 120 31.81 -17.17 -4.70
C ALA A 120 31.64 -18.44 -3.87
N GLY A 121 31.10 -19.50 -4.48
CA GLY A 121 30.95 -20.77 -3.80
C GLY A 121 29.90 -20.79 -2.71
N VAL A 122 28.95 -19.85 -2.77
CA VAL A 122 27.92 -19.69 -1.75
C VAL A 122 26.59 -20.30 -2.19
N GLU A 123 26.20 -21.41 -1.56
CA GLU A 123 24.88 -21.99 -1.74
C GLU A 123 23.79 -20.99 -1.38
N VAL A 124 22.75 -20.88 -2.19
CA VAL A 124 21.66 -19.95 -1.90
C VAL A 124 20.36 -20.68 -1.56
N ILE A 125 19.74 -20.30 -0.46
CA ILE A 125 18.51 -20.95 -0.01
C ILE A 125 17.35 -19.99 -0.16
N VAL A 126 16.32 -20.41 -0.91
CA VAL A 126 15.13 -19.59 -1.06
C VAL A 126 13.89 -20.35 -0.60
N ARG A 127 13.09 -19.72 0.23
CA ARG A 127 11.85 -20.33 0.72
C ARG A 127 10.69 -19.35 0.54
N ILE A 128 9.50 -19.89 0.40
CA ILE A 128 8.33 -19.07 0.13
C ILE A 128 7.59 -18.94 1.45
N SER A 129 7.50 -17.73 1.98
CA SER A 129 6.77 -17.55 3.22
C SER A 129 6.21 -16.15 3.35
N HIS A 130 6.27 -15.38 2.28
CA HIS A 130 5.67 -14.06 2.29
C HIS A 130 4.20 -14.17 1.85
N THR A 131 3.88 -15.27 1.16
CA THR A 131 2.54 -15.56 0.67
C THR A 131 2.05 -16.92 1.17
N LEU A 132 0.75 -17.11 1.14
CA LEU A 132 0.16 -18.42 1.44
C LEU A 132 0.55 -19.48 0.41
N TYR A 133 0.62 -19.07 -0.85
CA TYR A 133 0.76 -20.01 -1.96
C TYR A 133 2.01 -19.78 -2.80
N ASP A 134 2.44 -20.80 -3.53
CA ASP A 134 3.43 -20.61 -4.58
C ASP A 134 2.70 -19.89 -5.71
N LEU A 135 3.03 -18.60 -5.88
CA LEU A 135 2.34 -17.75 -6.84
C LEU A 135 2.43 -18.29 -8.27
N ASP A 136 3.58 -18.88 -8.63
CA ASP A 136 3.76 -19.41 -9.97
C ASP A 136 2.89 -20.64 -10.24
N LYS A 137 2.57 -21.40 -9.18
CA LYS A 137 1.63 -22.50 -9.31
C LYS A 137 0.23 -21.98 -9.58
N ILE A 138 -0.13 -20.85 -8.99
CA ILE A 138 -1.44 -20.29 -9.29
C ILE A 138 -1.57 -19.83 -10.75
N ILE A 139 -0.50 -19.24 -11.27
CA ILE A 139 -0.46 -18.80 -12.67
C ILE A 139 -0.53 -19.99 -13.63
N GLU A 140 0.10 -21.10 -13.25
CA GLU A 140 0.01 -22.31 -14.03
C GLU A 140 -1.43 -22.83 -14.10
N LEU A 141 -2.10 -22.85 -12.94
CA LEU A 141 -3.48 -23.32 -12.89
C LEU A 141 -4.40 -22.43 -13.71
N ASN A 142 -3.99 -21.19 -13.92
CA ASN A 142 -4.81 -20.29 -14.72
C ASN A 142 -4.49 -20.37 -16.21
N GLY A 143 -3.52 -21.19 -16.58
CA GLY A 143 -3.21 -21.36 -17.98
C GLY A 143 -1.94 -20.67 -18.45
N GLY A 144 -1.17 -20.10 -17.52
CA GLY A 144 0.09 -19.48 -17.84
C GLY A 144 0.15 -17.95 -17.70
N GLN A 145 -1.01 -17.34 -17.50
CA GLN A 145 -1.11 -15.91 -17.28
C GLN A 145 -1.87 -15.65 -15.99
N PRO A 146 -1.47 -14.62 -15.23
CA PRO A 146 -2.18 -14.40 -13.97
C PRO A 146 -3.62 -13.95 -14.22
N PRO A 147 -4.52 -14.32 -13.32
CA PRO A 147 -5.92 -13.93 -13.45
C PRO A 147 -6.09 -12.43 -13.33
N LEU A 148 -7.03 -11.93 -14.12
CA LEU A 148 -7.37 -10.55 -14.26
C LEU A 148 -8.32 -10.16 -13.15
N THR A 149 -9.20 -11.06 -12.75
CA THR A 149 -10.23 -10.74 -11.76
C THR A 149 -10.05 -11.50 -10.45
N TYR A 150 -10.35 -10.81 -9.34
CA TYR A 150 -10.26 -11.42 -8.03
C TYR A 150 -11.15 -12.65 -7.95
N LYS A 151 -12.27 -12.64 -8.67
CA LYS A 151 -13.21 -13.78 -8.67
C LYS A 151 -12.58 -15.05 -9.24
N ARG A 152 -11.99 -14.95 -10.42
CA ARG A 152 -11.23 -16.06 -10.98
C ARG A 152 -10.12 -16.52 -10.03
N PHE A 153 -9.39 -15.58 -9.44
CA PHE A 153 -8.33 -15.93 -8.49
C PHE A 153 -8.89 -16.76 -7.33
N GLN A 154 -10.05 -16.39 -6.82
CA GLN A 154 -10.68 -17.15 -5.74
C GLN A 154 -10.99 -18.59 -6.14
N THR A 155 -11.53 -18.74 -7.36
CA THR A 155 -11.89 -20.06 -7.88
C THR A 155 -10.67 -20.95 -7.92
N LEU A 156 -9.54 -20.41 -8.39
CA LEU A 156 -8.29 -21.14 -8.45
C LEU A 156 -7.80 -21.58 -7.07
N VAL A 157 -7.77 -20.68 -6.10
CA VAL A 157 -7.21 -21.06 -4.80
C VAL A 157 -8.09 -22.08 -4.07
N SER A 158 -9.40 -22.06 -4.33
CA SER A 158 -10.32 -23.00 -3.70
C SER A 158 -10.07 -24.45 -4.13
N LYS A 159 -9.39 -24.64 -5.27
CA LYS A 159 -9.04 -25.98 -5.75
C LYS A 159 -7.54 -26.22 -5.68
N MET A 160 -6.93 -25.79 -4.59
CA MET A 160 -5.50 -25.99 -4.38
C MET A 160 -5.25 -26.87 -3.16
N GLU A 161 -4.03 -27.37 -3.04
CA GLU A 161 -3.71 -28.28 -1.95
C GLU A 161 -3.80 -27.57 -0.59
N PRO A 162 -4.21 -28.30 0.45
CA PRO A 162 -4.21 -27.78 1.82
C PRO A 162 -2.82 -27.28 2.19
N LEU A 163 -2.76 -26.20 2.97
CA LEU A 163 -1.47 -25.59 3.32
C LEU A 163 -0.68 -26.40 4.34
N GLU A 164 0.63 -26.46 4.14
CA GLU A 164 1.52 -27.09 5.11
C GLU A 164 1.74 -26.14 6.28
N MET A 165 1.83 -26.70 7.48
CA MET A 165 1.94 -25.93 8.73
C MET A 165 3.09 -24.91 8.72
N PRO A 166 2.96 -23.86 9.53
CA PRO A 166 4.07 -22.90 9.68
C PRO A 166 5.34 -23.61 10.16
N ALA A 167 6.50 -23.16 9.69
CA ALA A 167 7.77 -23.71 10.14
C ALA A 167 7.90 -23.54 11.64
N ASP A 168 8.68 -24.41 12.29
CA ASP A 168 8.92 -24.27 13.72
C ASP A 168 9.64 -22.97 13.96
N THR A 169 9.22 -22.23 14.99
CA THR A 169 9.84 -20.94 15.25
C THR A 169 11.26 -21.12 15.78
N ILE A 170 12.14 -20.19 15.41
CA ILE A 170 13.54 -20.26 15.80
C ILE A 170 13.67 -20.05 17.31
N THR A 171 13.89 -21.16 18.02
CA THR A 171 14.07 -21.16 19.46
C THR A 171 15.45 -21.72 19.79
N SER A 172 15.90 -21.53 21.03
CA SER A 172 17.23 -21.98 21.47
C SER A 172 17.59 -23.40 21.01
N ASP A 173 16.61 -24.30 21.04
CA ASP A 173 16.79 -25.66 20.53
C ASP A 173 17.14 -25.68 19.05
N VAL A 174 16.43 -24.85 18.28
CA VAL A 174 16.61 -24.80 16.82
C VAL A 174 18.04 -24.43 16.47
N ILE A 175 18.55 -23.41 17.14
CA ILE A 175 19.92 -22.95 16.94
C ILE A 175 20.88 -24.10 17.20
N GLY A 176 20.78 -24.69 18.39
CA GLY A 176 21.51 -25.90 18.71
C GLY A 176 23.01 -25.79 18.61
N LYS A 177 23.58 -24.82 19.33
CA LYS A 177 25.01 -24.59 19.39
C LYS A 177 25.59 -23.97 18.12
N CYS A 178 24.73 -23.68 17.14
CA CYS A 178 25.16 -22.87 16.01
C CYS A 178 25.37 -21.46 16.53
N MET A 179 26.44 -20.81 16.14
CA MET A 179 26.83 -19.61 16.85
C MET A 179 26.94 -18.36 15.98
N THR A 180 26.53 -17.23 16.53
CA THR A 180 26.79 -15.93 15.92
C THR A 180 27.95 -15.26 16.64
N PRO A 181 29.07 -15.08 15.92
CA PRO A 181 30.22 -14.35 16.45
C PRO A 181 29.94 -12.85 16.52
N LEU A 182 29.70 -12.36 17.72
CA LEU A 182 29.64 -10.93 17.96
C LEU A 182 31.07 -10.45 18.09
N SER A 183 31.28 -9.14 18.16
CA SER A 183 32.65 -8.60 18.21
C SER A 183 32.74 -7.31 19.03
N ASP A 184 33.94 -6.74 19.06
CA ASP A 184 34.12 -5.36 19.51
C ASP A 184 33.52 -4.47 18.43
N ASP A 185 32.95 -3.35 18.86
CA ASP A 185 32.35 -2.41 17.92
C ASP A 185 31.30 -3.02 16.98
N HIS A 186 30.56 -4.04 17.43
CA HIS A 186 29.44 -4.57 16.64
C HIS A 186 28.37 -3.51 16.42
N ASP A 187 27.98 -2.83 17.49
CA ASP A 187 27.07 -1.71 17.41
C ASP A 187 27.82 -0.55 16.76
N GLU A 188 27.10 0.44 16.24
CA GLU A 188 27.72 1.60 15.60
C GLU A 188 28.46 1.20 14.32
N LYS A 189 28.66 -0.10 14.13
CA LYS A 189 29.17 -0.63 12.87
C LYS A 189 28.11 -1.51 12.20
N TYR A 190 27.21 -2.07 13.01
CA TYR A 190 26.12 -2.91 12.52
C TYR A 190 24.89 -2.71 13.38
N GLY A 191 24.77 -1.54 14.01
CA GLY A 191 23.64 -1.28 14.88
C GLY A 191 22.46 -0.63 14.19
N VAL A 192 21.25 -0.90 14.69
CA VAL A 192 20.03 -0.33 14.12
C VAL A 192 20.09 1.16 14.33
N PRO A 193 20.00 1.95 13.25
CA PRO A 193 20.07 3.41 13.40
C PRO A 193 18.81 3.99 14.03
N SER A 194 18.81 5.29 14.27
CA SER A 194 17.67 5.99 14.84
C SER A 194 17.18 7.00 13.80
N LEU A 195 16.02 7.60 14.03
CA LEU A 195 15.47 8.56 13.07
C LEU A 195 16.40 9.75 12.91
N GLU A 196 16.92 10.21 14.04
CA GLU A 196 17.82 11.36 14.09
C GLU A 196 19.07 11.06 13.26
N GLU A 197 19.62 9.87 13.45
CA GLU A 197 20.81 9.43 12.71
C GLU A 197 20.53 9.37 11.21
N LEU A 198 19.28 9.13 10.83
CA LEU A 198 18.88 9.07 9.43
C LEU A 198 18.67 10.44 8.81
N GLY A 199 18.36 11.45 9.63
CA GLY A 199 18.21 12.79 9.11
C GLY A 199 16.88 13.45 9.44
N PHE A 200 15.97 12.69 10.05
CA PHE A 200 14.65 13.22 10.37
C PHE A 200 14.66 14.20 11.56
N ASP A 201 13.69 15.10 11.58
CA ASP A 201 13.43 15.94 12.72
C ASP A 201 12.35 15.29 13.59
N THR A 202 12.71 14.93 14.81
CA THR A 202 11.79 14.18 15.66
C THR A 202 11.17 15.03 16.75
N ASP A 203 11.29 16.34 16.61
CA ASP A 203 10.87 17.27 17.66
C ASP A 203 9.39 17.11 18.04
N GLY A 204 8.50 17.45 17.12
CA GLY A 204 7.08 17.27 17.34
C GLY A 204 6.70 15.88 16.90
N LEU A 205 6.86 14.90 17.79
CA LEU A 205 6.62 13.51 17.42
C LEU A 205 6.15 12.71 18.60
N SER A 206 4.86 12.41 18.61
CA SER A 206 4.26 11.60 19.66
C SER A 206 4.59 10.15 19.41
N SER A 207 4.39 9.33 20.44
CA SER A 207 4.61 7.90 20.32
C SER A 207 3.73 7.35 19.20
N ALA A 208 4.22 6.28 18.60
CA ALA A 208 3.59 5.74 17.42
C ALA A 208 2.29 5.03 17.78
N VAL A 209 1.24 5.35 17.05
CA VAL A 209 -0.03 4.66 17.15
C VAL A 209 0.17 3.22 16.66
N TRP A 210 1.16 3.02 15.80
CA TRP A 210 1.44 1.68 15.29
C TRP A 210 2.87 1.25 15.53
N PRO A 211 3.17 0.78 16.74
CA PRO A 211 4.56 0.39 17.02
C PRO A 211 4.98 -0.86 16.23
N GLY A 212 6.17 -0.85 15.69
CA GLY A 212 6.62 -1.95 14.86
C GLY A 212 7.07 -3.21 15.61
N GLY A 213 7.17 -4.30 14.84
CA GLY A 213 7.86 -5.49 15.25
C GLY A 213 6.99 -6.70 15.45
N GLU A 214 7.63 -7.87 15.43
CA GLU A 214 6.97 -9.16 15.67
C GLU A 214 6.21 -9.25 17.01
N THR A 215 6.78 -8.70 18.08
CA THR A 215 6.19 -8.78 19.42
C THR A 215 4.82 -8.14 19.51
N GLU A 216 4.71 -6.93 18.95
CA GLU A 216 3.44 -6.21 18.94
C GLU A 216 2.46 -6.89 18.01
N ALA A 217 2.95 -7.40 16.87
CA ALA A 217 2.12 -8.15 15.91
C ALA A 217 1.43 -9.33 16.61
N LEU A 218 2.24 -10.22 17.19
CA LEU A 218 1.73 -11.39 17.92
C LEU A 218 0.70 -11.03 18.98
N THR A 219 1.00 -10.01 19.78
CA THR A 219 0.06 -9.48 20.75
C THR A 219 -1.24 -9.01 20.11
N ARG A 220 -1.13 -8.24 19.03
CA ARG A 220 -2.30 -7.74 18.31
C ARG A 220 -3.10 -8.86 17.64
N LEU A 221 -2.40 -9.92 17.25
CA LEU A 221 -3.06 -11.07 16.65
C LEU A 221 -3.98 -11.73 17.67
N GLU A 222 -3.44 -11.98 18.88
CA GLU A 222 -4.22 -12.56 19.96
C GLU A 222 -5.47 -11.72 20.23
N ARG A 223 -5.31 -10.41 20.32
CA ARG A 223 -6.43 -9.54 20.65
C ARG A 223 -7.47 -9.47 19.54
N HIS A 224 -7.00 -9.59 18.30
CA HIS A 224 -7.84 -9.58 17.11
C HIS A 224 -8.74 -10.81 17.06
N LEU A 225 -8.15 -11.97 17.33
CA LEU A 225 -8.91 -13.21 17.33
C LEU A 225 -9.94 -13.23 18.46
N GLU A 226 -9.60 -12.64 19.60
CA GLU A 226 -10.54 -12.57 20.70
C GLU A 226 -11.70 -11.65 20.34
N ARG A 227 -11.41 -10.52 19.71
CA ARG A 227 -12.47 -9.63 19.25
C ARG A 227 -13.45 -10.36 18.33
N LYS A 228 -12.93 -11.19 17.43
CA LYS A 228 -13.79 -11.96 16.52
C LYS A 228 -14.55 -13.07 17.24
N ALA A 229 -13.91 -13.70 18.22
CA ALA A 229 -14.53 -14.78 18.97
C ALA A 229 -15.78 -14.29 19.72
N TRP A 230 -15.79 -13.02 20.09
CA TRP A 230 -16.91 -12.47 20.86
C TRP A 230 -18.14 -12.16 20.00
N VAL A 231 -17.92 -11.78 18.74
CA VAL A 231 -19.03 -11.38 17.87
C VAL A 231 -19.70 -12.53 17.12
N ALA A 232 -18.89 -13.37 16.47
CA ALA A 232 -19.33 -14.41 15.53
C ALA A 232 -19.92 -13.82 14.25
N ALA A 241 -19.73 3.89 10.78
CA ALA A 241 -18.71 3.35 11.66
C ALA A 241 -18.04 4.44 12.50
N ASN A 242 -18.09 4.28 13.82
CA ASN A 242 -17.45 5.23 14.73
C ASN A 242 -15.94 5.26 14.55
N SER A 243 -15.41 4.12 14.12
CA SER A 243 -13.97 3.88 14.09
C SER A 243 -13.35 3.87 12.70
N LEU A 244 -13.29 5.05 12.09
CA LEU A 244 -12.42 5.26 10.97
C LEU A 244 -11.05 5.36 11.62
N LEU A 245 -11.03 5.13 12.92
CA LEU A 245 -9.86 5.34 13.75
C LEU A 245 -9.03 4.08 13.94
N ALA A 246 -7.73 4.29 14.11
CA ALA A 246 -6.78 3.19 14.29
C ALA A 246 -7.22 2.22 15.40
N SER A 247 -7.48 0.98 15.02
CA SER A 247 -7.79 -0.07 15.95
C SER A 247 -6.55 -0.63 16.63
N PRO A 248 -6.67 -0.95 17.92
CA PRO A 248 -5.62 -1.66 18.67
C PRO A 248 -5.31 -3.01 18.06
N THR A 249 -6.27 -3.57 17.32
CA THR A 249 -6.11 -4.91 16.76
C THR A 249 -5.76 -4.95 15.26
N GLY A 250 -5.42 -3.80 14.70
CA GLY A 250 -5.14 -3.73 13.27
C GLY A 250 -3.89 -4.52 12.93
N LEU A 251 -3.95 -5.34 11.87
CA LEU A 251 -2.80 -6.17 11.54
C LEU A 251 -2.03 -5.80 10.28
N SER A 252 -2.55 -4.90 9.47
CA SER A 252 -2.04 -4.73 8.09
C SER A 252 -0.56 -4.29 7.94
N PRO A 253 -0.09 -3.32 8.73
CA PRO A 253 1.35 -3.02 8.64
C PRO A 253 2.24 -4.21 9.01
N TYR A 254 1.81 -5.02 9.97
CA TYR A 254 2.55 -6.21 10.40
C TYR A 254 2.67 -7.30 9.33
N LEU A 255 1.60 -7.52 8.57
CA LEU A 255 1.66 -8.39 7.40
C LEU A 255 2.58 -7.81 6.32
N ARG A 256 2.51 -6.49 6.12
CA ARG A 256 3.37 -5.88 5.11
C ARG A 256 4.86 -6.10 5.37
N PHE A 257 5.29 -6.07 6.62
CA PHE A 257 6.74 -6.22 6.88
C PHE A 257 7.10 -7.61 7.37
N GLY A 258 6.10 -8.48 7.47
CA GLY A 258 6.32 -9.85 7.89
C GLY A 258 6.58 -9.97 9.38
N CYS A 259 6.15 -8.99 10.15
CA CYS A 259 6.19 -9.14 11.60
C CYS A 259 5.19 -10.21 12.00
N LEU A 260 4.12 -10.34 11.21
CA LEU A 260 3.15 -11.41 11.36
C LEU A 260 3.14 -12.25 10.09
N SER A 261 3.34 -13.55 10.23
CA SER A 261 3.30 -14.45 9.08
C SER A 261 1.86 -14.65 8.62
N CYS A 262 1.63 -14.40 7.33
CA CYS A 262 0.29 -14.60 6.75
C CYS A 262 -0.20 -16.02 6.94
N ARG A 263 0.71 -16.98 6.84
CA ARG A 263 0.34 -18.40 7.01
C ARG A 263 -0.10 -18.71 8.45
N LEU A 264 0.58 -18.13 9.44
CA LEU A 264 0.13 -18.27 10.82
C LEU A 264 -1.26 -17.67 11.02
N PHE A 265 -1.48 -16.48 10.47
CA PHE A 265 -2.73 -15.77 10.67
C PHE A 265 -3.85 -16.62 10.04
N TYR A 266 -3.57 -17.13 8.84
CA TYR A 266 -4.43 -18.10 8.18
C TYR A 266 -4.79 -19.31 9.06
N PHE A 267 -3.81 -19.98 9.67
CA PHE A 267 -4.09 -21.13 10.52
C PHE A 267 -4.90 -20.78 11.75
N LYS A 268 -4.58 -19.66 12.38
CA LYS A 268 -5.30 -19.16 13.55
C LYS A 268 -6.75 -18.87 13.17
N LEU A 269 -6.96 -18.29 12.00
CA LEU A 269 -8.32 -18.04 11.51
C LEU A 269 -9.13 -19.32 11.26
N THR A 270 -8.51 -20.31 10.64
CA THR A 270 -9.22 -21.55 10.31
C THR A 270 -9.61 -22.30 11.59
N ASP A 271 -8.69 -22.38 12.54
CA ASP A 271 -8.97 -23.04 13.80
C ASP A 271 -10.13 -22.39 14.53
N LEU A 272 -10.19 -21.06 14.52
CA LEU A 272 -11.28 -20.39 15.21
C LEU A 272 -12.61 -20.69 14.52
N TYR A 273 -12.59 -20.67 13.20
CA TYR A 273 -13.79 -20.94 12.43
C TYR A 273 -14.35 -22.34 12.71
N LYS A 274 -13.45 -23.31 12.84
CA LYS A 274 -13.82 -24.70 13.07
C LYS A 274 -14.51 -24.93 14.41
N LYS A 275 -14.21 -24.08 15.37
CA LYS A 275 -14.75 -24.23 16.71
C LYS A 275 -16.05 -23.46 16.85
N VAL A 276 -16.05 -22.21 16.43
CA VAL A 276 -17.27 -21.41 16.48
C VAL A 276 -18.34 -21.96 15.52
N LYS A 277 -17.91 -22.58 14.42
CA LYS A 277 -18.87 -23.13 13.45
C LYS A 277 -18.66 -24.62 13.12
N LYS A 278 -19.69 -25.24 12.55
CA LYS A 278 -19.73 -26.70 12.40
C LYS A 278 -18.63 -27.27 11.51
N ASN A 279 -18.45 -26.64 10.35
CA ASN A 279 -17.70 -27.24 9.25
C ASN A 279 -16.19 -27.11 9.30
N SER A 280 -15.55 -27.71 8.30
CA SER A 280 -14.15 -27.48 7.96
C SER A 280 -14.18 -26.96 6.53
N SER A 281 -15.26 -26.27 6.20
CA SER A 281 -15.41 -25.63 4.91
C SER A 281 -15.85 -24.18 5.08
N PRO A 282 -14.96 -23.33 5.62
CA PRO A 282 -15.24 -21.89 5.70
C PRO A 282 -15.32 -21.32 4.32
N PRO A 283 -16.13 -20.27 4.14
CA PRO A 283 -16.19 -19.61 2.84
C PRO A 283 -14.86 -18.90 2.59
N LEU A 284 -14.56 -18.49 1.37
CA LEU A 284 -13.26 -17.84 1.14
C LEU A 284 -13.20 -16.43 1.74
N SER A 285 -14.37 -15.84 1.97
CA SER A 285 -14.47 -14.53 2.63
C SER A 285 -13.72 -14.46 3.97
N LEU A 286 -13.59 -15.59 4.66
CA LEU A 286 -12.84 -15.68 5.90
C LEU A 286 -11.39 -15.22 5.76
N TYR A 287 -10.84 -15.33 4.55
CA TYR A 287 -9.46 -14.98 4.30
C TYR A 287 -9.39 -13.80 3.33
N GLY A 288 -10.51 -13.12 3.17
CA GLY A 288 -10.59 -11.95 2.29
C GLY A 288 -9.37 -11.06 2.36
N GLN A 289 -8.92 -10.76 3.58
CA GLN A 289 -7.71 -9.96 3.76
C GLN A 289 -6.47 -10.63 3.18
N LEU A 290 -6.25 -11.90 3.50
CA LEU A 290 -5.07 -12.56 2.99
C LEU A 290 -5.11 -12.74 1.44
N LEU A 291 -6.26 -13.15 0.90
CA LEU A 291 -6.35 -13.46 -0.52
C LEU A 291 -6.26 -12.24 -1.46
N TRP A 292 -6.89 -11.14 -1.06
CA TRP A 292 -6.83 -9.88 -1.80
C TRP A 292 -5.36 -9.47 -1.96
N ARG A 293 -4.62 -9.58 -0.87
CA ARG A 293 -3.19 -9.32 -0.84
C ARG A 293 -2.48 -10.24 -1.83
N GLU A 294 -2.80 -11.52 -1.73
CA GLU A 294 -2.13 -12.55 -2.52
C GLU A 294 -2.43 -12.41 -4.02
N PHE A 295 -3.63 -11.94 -4.31
CA PHE A 295 -4.07 -11.73 -5.67
C PHE A 295 -3.23 -10.67 -6.35
N PHE A 296 -2.88 -9.59 -5.65
CA PHE A 296 -2.10 -8.54 -6.30
C PHE A 296 -0.63 -8.92 -6.56
N TYR A 297 -0.02 -9.66 -5.64
CA TYR A 297 1.31 -10.21 -5.88
C TYR A 297 1.32 -11.05 -7.14
N THR A 298 0.36 -11.98 -7.22
CA THR A 298 0.19 -12.80 -8.43
C THR A 298 0.00 -11.98 -9.73
N ALA A 299 -0.78 -10.91 -9.67
CA ALA A 299 -1.07 -10.12 -10.86
C ALA A 299 0.17 -9.39 -11.34
N ALA A 300 1.09 -9.06 -10.43
CA ALA A 300 2.19 -8.14 -10.75
C ALA A 300 3.49 -8.83 -11.04
N THR A 301 3.59 -10.09 -10.65
CA THR A 301 4.88 -10.76 -10.60
C THR A 301 5.60 -10.82 -11.95
N ASN A 302 4.83 -10.83 -13.05
CA ASN A 302 5.39 -10.91 -14.40
C ASN A 302 5.21 -9.65 -15.20
N ASN A 303 4.78 -8.57 -14.54
CA ASN A 303 4.52 -7.27 -15.18
C ASN A 303 5.38 -6.20 -14.51
N PRO A 304 6.55 -5.91 -15.08
CA PRO A 304 7.40 -4.90 -14.42
C PRO A 304 6.79 -3.49 -14.50
N ARG A 305 5.78 -3.29 -15.33
CA ARG A 305 5.12 -1.98 -15.40
C ARG A 305 3.75 -1.94 -14.73
N PHE A 306 3.54 -2.82 -13.74
CA PHE A 306 2.27 -2.86 -13.03
C PHE A 306 1.88 -1.55 -12.39
N ASP A 307 2.88 -0.76 -11.97
CA ASP A 307 2.65 0.51 -11.27
C ASP A 307 2.67 1.72 -12.20
N LYS A 308 2.53 1.48 -13.51
CA LYS A 308 2.48 2.55 -14.53
C LYS A 308 1.16 2.52 -15.28
N MET A 309 0.81 3.64 -15.91
CA MET A 309 -0.31 3.59 -16.84
C MET A 309 0.17 3.11 -18.20
N GLU A 310 1.08 3.86 -18.80
CA GLU A 310 1.60 3.55 -20.13
C GLU A 310 2.41 2.26 -20.14
N GLY A 311 2.19 1.47 -21.18
CA GLY A 311 2.93 0.22 -21.37
C GLY A 311 2.50 -0.77 -20.32
N ASN A 312 1.41 -0.50 -19.63
CA ASN A 312 0.87 -1.50 -18.73
C ASN A 312 -0.33 -2.17 -19.39
N PRO A 313 -0.18 -3.43 -19.82
CA PRO A 313 -1.19 -4.02 -20.70
C PRO A 313 -2.50 -4.38 -19.98
N ILE A 314 -2.57 -4.22 -18.66
CA ILE A 314 -3.86 -4.39 -17.99
C ILE A 314 -4.53 -3.06 -17.60
N CYS A 315 -3.90 -1.96 -17.96
CA CYS A 315 -4.37 -0.64 -17.53
C CYS A 315 -5.05 0.14 -18.65
N VAL A 316 -6.23 0.70 -18.37
CA VAL A 316 -6.90 1.54 -19.35
C VAL A 316 -6.11 2.84 -19.46
N GLN A 317 -5.89 3.29 -20.69
CA GLN A 317 -5.15 4.52 -20.91
C GLN A 317 -6.12 5.69 -20.84
N ILE A 318 -5.92 6.56 -19.85
CA ILE A 318 -6.85 7.66 -19.60
C ILE A 318 -6.11 8.98 -19.68
N PRO A 319 -6.70 9.99 -20.34
CA PRO A 319 -6.07 11.31 -20.48
C PRO A 319 -6.14 12.18 -19.21
N TRP A 320 -5.43 11.79 -18.16
CA TRP A 320 -5.53 12.49 -16.87
C TRP A 320 -5.03 13.93 -16.99
N ASP A 321 -5.58 14.84 -16.18
CA ASP A 321 -5.11 16.22 -16.15
C ASP A 321 -3.83 16.38 -15.34
N LYS A 322 -3.02 17.37 -15.68
CA LYS A 322 -1.87 17.68 -14.84
C LYS A 322 -2.11 18.98 -14.09
N ASN A 323 -1.84 18.95 -12.78
CA ASN A 323 -2.11 20.09 -11.93
C ASN A 323 -1.38 19.91 -10.60
N PRO A 324 -0.09 20.27 -10.56
CA PRO A 324 0.77 20.06 -9.39
C PRO A 324 0.19 20.70 -8.14
N GLU A 325 -0.38 21.88 -8.30
CA GLU A 325 -0.94 22.61 -7.17
C GLU A 325 -2.16 21.91 -6.56
N ALA A 326 -3.02 21.36 -7.40
CA ALA A 326 -4.20 20.64 -6.91
C ALA A 326 -3.82 19.33 -6.22
N LEU A 327 -2.81 18.64 -6.76
CA LEU A 327 -2.34 17.43 -6.14
C LEU A 327 -1.81 17.76 -4.75
N ALA A 328 -1.01 18.84 -4.69
CA ALA A 328 -0.38 19.28 -3.45
C ALA A 328 -1.42 19.55 -2.40
N LYS A 329 -2.51 20.22 -2.78
CA LYS A 329 -3.60 20.46 -1.83
C LYS A 329 -4.23 19.15 -1.33
N TRP A 330 -4.42 18.20 -2.25
CA TRP A 330 -5.01 16.90 -1.89
C TRP A 330 -4.12 16.13 -0.93
N ALA A 331 -2.83 16.10 -1.22
CA ALA A 331 -1.87 15.39 -0.38
C ALA A 331 -1.73 15.96 1.02
N GLU A 332 -1.85 17.29 1.16
CA GLU A 332 -1.67 17.94 2.47
C GLU A 332 -2.98 18.04 3.22
N GLY A 333 -4.04 17.54 2.60
CA GLY A 333 -5.36 17.66 3.17
C GLY A 333 -5.74 19.12 3.33
N ARG A 334 -5.51 19.91 2.28
CA ARG A 334 -6.02 21.28 2.24
C ARG A 334 -6.91 21.43 1.02
N THR A 335 -7.90 20.55 0.88
CA THR A 335 -8.76 20.57 -0.30
C THR A 335 -9.95 21.48 -0.12
N GLY A 336 -10.34 21.69 1.14
CA GLY A 336 -11.50 22.50 1.46
C GLY A 336 -12.72 21.61 1.65
N PHE A 337 -12.49 20.30 1.58
CA PHE A 337 -13.51 19.31 1.85
C PHE A 337 -13.11 18.56 3.11
N PRO A 338 -13.79 18.84 4.22
CA PRO A 338 -13.51 18.27 5.55
C PRO A 338 -13.35 16.75 5.60
N TRP A 339 -14.27 16.01 4.99
CA TRP A 339 -14.18 14.55 4.98
C TRP A 339 -12.86 14.09 4.38
N ILE A 340 -12.43 14.74 3.31
CA ILE A 340 -11.22 14.38 2.59
C ILE A 340 -9.99 14.83 3.38
N ASP A 341 -10.00 16.10 3.77
CA ASP A 341 -8.92 16.67 4.57
C ASP A 341 -8.66 15.89 5.85
N ALA A 342 -9.73 15.49 6.54
CA ALA A 342 -9.59 14.71 7.76
C ALA A 342 -8.83 13.41 7.52
N ILE A 343 -9.22 12.70 6.47
CA ILE A 343 -8.61 11.44 6.10
C ILE A 343 -7.14 11.61 5.73
N MET A 344 -6.85 12.60 4.89
CA MET A 344 -5.47 12.81 4.48
C MET A 344 -4.63 13.31 5.65
N THR A 345 -5.30 13.90 6.65
CA THR A 345 -4.64 14.35 7.85
C THR A 345 -4.29 13.16 8.76
N GLN A 346 -5.26 12.29 8.98
CA GLN A 346 -4.99 11.06 9.72
C GLN A 346 -3.90 10.24 9.05
N LEU A 347 -3.84 10.28 7.73
CA LEU A 347 -2.86 9.49 7.00
C LEU A 347 -1.48 10.07 7.24
N ARG A 348 -1.36 11.38 7.15
CA ARG A 348 -0.07 12.01 7.43
C ARG A 348 0.38 11.78 8.87
N GLN A 349 -0.53 11.94 9.82
CA GLN A 349 -0.13 11.91 11.23
C GLN A 349 0.21 10.51 11.73
N GLU A 350 -0.47 9.48 11.20
CA GLU A 350 -0.52 8.18 11.84
C GLU A 350 -0.01 7.06 10.95
N GLY A 351 -0.32 7.16 9.66
CA GLY A 351 0.22 6.22 8.67
C GLY A 351 -0.72 5.08 8.33
N TRP A 352 -1.98 5.17 8.77
CA TRP A 352 -3.00 4.22 8.40
C TRP A 352 -4.34 4.92 8.32
N ILE A 353 -5.11 4.57 7.31
CA ILE A 353 -6.51 4.96 7.23
C ILE A 353 -7.32 3.74 6.83
N HIS A 354 -8.62 3.80 7.10
CA HIS A 354 -9.54 2.72 6.79
C HIS A 354 -9.68 2.52 5.27
N HIS A 355 -9.95 1.29 4.87
CA HIS A 355 -10.09 0.98 3.45
C HIS A 355 -11.13 1.81 2.72
N LEU A 356 -12.27 2.05 3.36
CA LEU A 356 -13.30 2.89 2.78
C LEU A 356 -12.87 4.36 2.67
N ALA A 357 -12.02 4.80 3.60
CA ALA A 357 -11.40 6.12 3.50
C ALA A 357 -10.41 6.21 2.34
N ARG A 358 -9.57 5.18 2.16
CA ARG A 358 -8.72 5.10 0.96
C ARG A 358 -9.54 5.29 -0.30
N HIS A 359 -10.67 4.58 -0.38
CA HIS A 359 -11.58 4.70 -1.51
C HIS A 359 -12.06 6.14 -1.71
N ALA A 360 -12.41 6.79 -0.62
CA ALA A 360 -12.90 8.16 -0.69
C ALA A 360 -11.86 9.12 -1.26
N VAL A 361 -10.65 9.10 -0.73
CA VAL A 361 -9.65 10.06 -1.20
C VAL A 361 -9.17 9.74 -2.61
N ALA A 362 -9.23 8.46 -2.98
CA ALA A 362 -8.85 8.03 -4.32
C ALA A 362 -9.85 8.47 -5.39
N CYS A 363 -11.14 8.32 -5.12
CA CYS A 363 -12.18 8.85 -6.00
C CYS A 363 -12.03 10.35 -6.21
N PHE A 364 -11.90 11.09 -5.12
CA PHE A 364 -11.75 12.54 -5.20
C PHE A 364 -10.56 12.97 -6.05
N LEU A 365 -9.42 12.32 -5.83
CA LEU A 365 -8.21 12.67 -6.59
C LEU A 365 -8.37 12.35 -8.05
N THR A 366 -8.95 11.19 -8.34
CA THR A 366 -8.89 10.67 -9.70
C THR A 366 -10.18 10.93 -10.47
N ARG A 367 -11.02 9.91 -10.59
CA ARG A 367 -12.18 9.96 -11.47
C ARG A 367 -13.30 10.84 -10.93
N GLY A 368 -13.20 11.24 -9.67
CA GLY A 368 -14.28 11.99 -9.07
C GLY A 368 -14.22 13.47 -9.39
N ASP A 369 -13.24 14.15 -8.81
CA ASP A 369 -13.23 15.58 -8.87
C ASP A 369 -12.00 16.20 -9.54
N LEU A 370 -10.82 15.71 -9.19
CA LEU A 370 -9.60 16.37 -9.66
C LEU A 370 -9.10 15.93 -11.04
N TRP A 371 -9.46 14.70 -11.45
CA TRP A 371 -9.03 14.12 -12.73
C TRP A 371 -7.51 14.06 -12.84
N ILE A 372 -6.88 13.61 -11.75
CA ILE A 372 -5.44 13.50 -11.66
C ILE A 372 -5.08 12.02 -11.71
N SER A 373 -3.97 11.67 -12.36
CA SER A 373 -3.62 10.25 -12.50
C SER A 373 -3.57 9.51 -11.19
N TRP A 374 -4.07 8.28 -11.20
CA TRP A 374 -3.98 7.39 -10.07
C TRP A 374 -2.52 7.17 -9.61
N GLU A 375 -1.57 7.28 -10.55
CA GLU A 375 -0.12 7.18 -10.27
C GLU A 375 0.39 8.21 -9.23
N GLU A 376 -0.21 9.39 -9.24
CA GLU A 376 0.17 10.42 -8.30
C GLU A 376 -0.33 10.04 -6.92
N GLY A 377 -1.56 9.53 -6.89
CA GLY A 377 -2.16 9.14 -5.62
C GLY A 377 -1.39 8.01 -5.00
N MET A 378 -1.08 7.04 -5.83
CA MET A 378 -0.34 5.87 -5.42
C MET A 378 0.98 6.27 -4.78
N LYS A 379 1.63 7.25 -5.38
CA LYS A 379 2.95 7.68 -4.94
C LYS A 379 2.87 8.39 -3.56
N VAL A 380 1.81 9.16 -3.34
CA VAL A 380 1.59 9.73 -2.00
C VAL A 380 1.35 8.64 -0.96
N PHE A 381 0.60 7.60 -1.30
CA PHE A 381 0.31 6.52 -0.34
C PHE A 381 1.60 5.75 -0.01
N GLU A 382 2.42 5.53 -1.01
CA GLU A 382 3.70 4.89 -0.83
C GLU A 382 4.53 5.68 0.20
N GLU A 383 4.39 7.00 0.21
CA GLU A 383 5.19 7.82 1.11
C GLU A 383 4.68 7.79 2.55
N LEU A 384 3.37 7.70 2.74
CA LEU A 384 2.75 7.93 4.03
C LEU A 384 2.10 6.69 4.67
N LEU A 385 1.69 5.72 3.87
CA LEU A 385 0.90 4.57 4.36
C LEU A 385 1.79 3.40 4.77
N LEU A 386 1.77 3.05 6.05
CA LEU A 386 2.64 1.99 6.59
C LEU A 386 2.53 0.66 5.85
N ASP A 387 1.31 0.30 5.47
CA ASP A 387 1.10 -1.02 4.90
C ASP A 387 1.23 -1.08 3.39
N ALA A 388 1.56 0.03 2.74
CA ALA A 388 1.56 0.06 1.28
C ALA A 388 2.56 -0.93 0.72
N ASP A 389 2.10 -1.78 -0.18
CA ASP A 389 2.95 -2.69 -0.90
C ASP A 389 2.83 -2.32 -2.36
N TRP A 390 3.94 -2.35 -3.06
CA TRP A 390 4.04 -1.99 -4.45
C TRP A 390 2.85 -2.45 -5.32
N SER A 391 2.63 -3.75 -5.36
CA SER A 391 1.57 -4.29 -6.21
C SER A 391 0.17 -4.09 -5.63
N ILE A 392 0.01 -4.22 -4.32
CA ILE A 392 -1.32 -4.02 -3.77
C ILE A 392 -1.79 -2.60 -3.98
N ASN A 393 -0.88 -1.66 -3.71
CA ASN A 393 -1.19 -0.24 -3.78
C ASN A 393 -1.49 0.21 -5.21
N ALA A 394 -0.70 -0.27 -6.16
CA ALA A 394 -0.91 0.04 -7.58
C ALA A 394 -2.25 -0.52 -8.08
N GLY A 395 -2.53 -1.77 -7.72
CA GLY A 395 -3.76 -2.43 -8.14
C GLY A 395 -4.98 -1.70 -7.64
N SER A 396 -4.95 -1.33 -6.36
CA SER A 396 -6.07 -0.63 -5.75
C SER A 396 -6.33 0.64 -6.50
N TRP A 397 -5.27 1.41 -6.70
CA TRP A 397 -5.40 2.71 -7.32
C TRP A 397 -5.91 2.58 -8.75
N MET A 398 -5.53 1.49 -9.41
CA MET A 398 -6.02 1.24 -10.74
C MET A 398 -7.49 0.91 -10.70
N TRP A 399 -7.86 0.00 -9.81
CA TRP A 399 -9.25 -0.40 -9.71
C TRP A 399 -10.12 0.78 -9.30
N LEU A 400 -9.72 1.49 -8.25
CA LEU A 400 -10.51 2.61 -7.74
C LEU A 400 -10.76 3.71 -8.77
N SER A 401 -9.87 3.85 -9.74
CA SER A 401 -10.03 4.90 -10.74
C SER A 401 -10.67 4.37 -12.04
N CYS A 402 -11.17 3.14 -12.00
CA CYS A 402 -11.72 2.49 -13.18
C CYS A 402 -10.67 2.42 -14.27
N SER A 403 -9.44 2.08 -13.92
CA SER A 403 -8.39 1.92 -14.90
C SER A 403 -8.04 0.45 -15.08
N SER A 404 -8.55 -0.40 -14.18
CA SER A 404 -8.44 -1.84 -14.42
C SER A 404 -9.60 -2.64 -13.83
N PHE A 405 -9.50 -3.95 -13.90
CA PHE A 405 -10.69 -4.79 -13.90
C PHE A 405 -10.72 -5.85 -12.82
N PHE A 406 -9.91 -5.65 -11.79
CA PHE A 406 -9.75 -6.64 -10.75
C PHE A 406 -11.06 -6.95 -10.06
N GLN A 407 -11.92 -5.94 -9.95
CA GLN A 407 -13.25 -6.11 -9.37
C GLN A 407 -14.26 -5.16 -9.98
N GLN A 408 -15.55 -5.42 -9.73
CA GLN A 408 -16.65 -4.55 -10.17
C GLN A 408 -16.37 -3.08 -9.90
N PHE A 409 -16.85 -2.21 -10.79
CA PHE A 409 -16.83 -0.78 -10.54
C PHE A 409 -18.03 -0.41 -9.68
N PHE A 410 -17.83 0.56 -8.78
CA PHE A 410 -18.92 1.10 -7.97
C PHE A 410 -19.08 2.58 -8.28
N HIS A 411 -20.22 3.15 -7.87
CA HIS A 411 -20.48 4.58 -7.97
C HIS A 411 -19.43 5.38 -7.20
N CYS A 412 -18.92 6.42 -7.84
CA CYS A 412 -17.94 7.29 -7.25
C CYS A 412 -18.45 7.86 -5.93
N TYR A 413 -17.69 7.66 -4.86
CA TYR A 413 -18.06 8.18 -3.53
C TYR A 413 -18.17 9.69 -3.54
N CYS A 414 -19.19 10.20 -2.86
CA CYS A 414 -19.37 11.64 -2.68
C CYS A 414 -18.52 12.15 -1.52
N PRO A 415 -17.71 13.18 -1.76
CA PRO A 415 -16.86 13.78 -0.72
C PRO A 415 -17.65 14.62 0.26
N VAL A 416 -18.94 14.35 0.43
CA VAL A 416 -19.77 15.02 1.43
C VAL A 416 -20.71 14.00 2.06
N GLY A 417 -21.40 13.25 1.21
CA GLY A 417 -22.42 12.33 1.67
C GLY A 417 -21.90 11.07 2.31
N PHE A 418 -20.75 10.60 1.83
CA PHE A 418 -20.18 9.38 2.36
C PHE A 418 -19.81 9.59 3.83
N GLY A 419 -19.39 10.81 4.15
CA GLY A 419 -19.10 11.16 5.52
C GLY A 419 -20.36 11.29 6.36
N ARG A 420 -21.44 11.76 5.76
CA ARG A 420 -22.71 11.93 6.48
C ARG A 420 -23.33 10.59 6.85
N ARG A 421 -23.22 9.62 5.95
CA ARG A 421 -23.70 8.28 6.20
C ARG A 421 -22.88 7.65 7.33
N THR A 422 -21.56 7.81 7.25
CA THR A 422 -20.63 7.23 8.22
C THR A 422 -20.84 7.72 9.66
N ASP A 423 -20.93 9.04 9.83
CA ASP A 423 -21.26 9.64 11.13
C ASP A 423 -21.68 11.12 10.99
N PRO A 424 -22.94 11.43 11.30
CA PRO A 424 -23.44 12.78 11.06
C PRO A 424 -22.97 13.76 12.12
N ASN A 425 -22.55 13.25 13.27
CA ASN A 425 -21.99 14.11 14.33
C ASN A 425 -20.64 14.68 13.92
N GLY A 426 -19.99 14.06 12.95
CA GLY A 426 -18.70 14.51 12.46
C GLY A 426 -17.59 14.47 13.50
N ASP A 427 -17.59 13.43 14.34
CA ASP A 427 -16.56 13.29 15.36
C ASP A 427 -15.17 13.10 14.76
N TYR A 428 -15.11 12.28 13.71
CA TYR A 428 -13.87 12.03 12.98
C TYR A 428 -13.27 13.34 12.50
N ILE A 429 -14.08 14.12 11.79
CA ILE A 429 -13.67 15.41 11.27
C ILE A 429 -13.09 16.35 12.34
N ARG A 430 -13.81 16.51 13.44
CA ARG A 430 -13.38 17.41 14.51
C ARG A 430 -12.08 16.93 15.14
N ARG A 431 -11.95 15.60 15.26
CA ARG A 431 -10.75 14.99 15.80
C ARG A 431 -9.48 15.36 15.03
N TYR A 432 -9.51 15.28 13.71
CA TYR A 432 -8.32 15.54 12.90
C TYR A 432 -8.22 16.99 12.40
N LEU A 433 -9.37 17.65 12.26
CA LEU A 433 -9.39 19.07 11.95
C LEU A 433 -9.79 19.92 13.16
N PRO A 434 -8.80 20.55 13.82
CA PRO A 434 -9.23 21.33 15.00
C PRO A 434 -9.99 22.61 14.63
N VAL A 435 -9.53 23.32 13.60
CA VAL A 435 -10.07 24.62 13.19
C VAL A 435 -11.55 24.59 12.85
N LEU A 436 -12.13 23.39 12.77
CA LEU A 436 -13.50 23.19 12.35
C LEU A 436 -14.41 22.79 13.51
N ARG A 437 -13.78 22.48 14.63
CA ARG A 437 -14.46 21.85 15.78
C ARG A 437 -15.78 22.53 16.21
N GLY A 438 -15.87 23.85 16.03
CA GLY A 438 -17.04 24.59 16.45
C GLY A 438 -18.31 24.36 15.62
N PHE A 439 -18.14 24.22 14.31
CA PHE A 439 -19.26 24.04 13.37
C PHE A 439 -20.29 23.01 13.80
N PRO A 440 -21.58 23.33 13.62
CA PRO A 440 -22.66 22.37 13.88
C PRO A 440 -22.74 21.30 12.80
N ALA A 441 -23.43 20.20 13.11
CA ALA A 441 -23.59 19.08 12.18
C ALA A 441 -24.20 19.50 10.84
N LYS A 442 -24.91 20.63 10.84
CA LYS A 442 -25.59 21.10 9.64
C LYS A 442 -24.61 21.45 8.52
N TYR A 443 -23.50 22.09 8.89
CA TYR A 443 -22.53 22.58 7.91
C TYR A 443 -21.17 21.89 8.01
N ILE A 444 -21.10 20.84 8.84
CA ILE A 444 -19.81 20.21 9.16
C ILE A 444 -19.13 19.53 7.95
N TYR A 445 -19.93 19.07 6.99
CA TYR A 445 -19.39 18.48 5.76
C TYR A 445 -19.31 19.50 4.63
N ASP A 446 -20.19 20.48 4.67
CA ASP A 446 -20.18 21.57 3.70
C ASP A 446 -20.08 22.93 4.41
N PRO A 447 -18.88 23.24 4.93
CA PRO A 447 -18.64 24.43 5.74
C PRO A 447 -18.67 25.73 4.94
N TRP A 448 -18.50 25.64 3.63
CA TRP A 448 -18.56 26.83 2.79
C TRP A 448 -20.01 27.31 2.70
N ASN A 449 -20.94 26.44 3.07
CA ASN A 449 -22.35 26.77 3.08
C ASN A 449 -22.77 27.51 4.35
N ALA A 450 -21.84 27.65 5.29
CA ALA A 450 -22.11 28.38 6.52
C ALA A 450 -22.44 29.83 6.22
N PRO A 451 -23.56 30.33 6.77
CA PRO A 451 -23.88 31.75 6.72
C PRO A 451 -22.71 32.52 7.28
N GLU A 452 -22.37 33.65 6.66
CA GLU A 452 -21.16 34.41 7.01
C GLU A 452 -21.01 34.74 8.51
N GLY A 453 -22.09 34.56 9.28
CA GLY A 453 -22.05 34.77 10.72
C GLY A 453 -21.72 33.51 11.50
N ILE A 454 -22.13 32.36 10.97
CA ILE A 454 -21.84 31.06 11.59
C ILE A 454 -20.34 30.80 11.62
N GLN A 455 -19.65 31.30 10.60
CA GLN A 455 -18.20 31.21 10.54
C GLN A 455 -17.55 32.09 11.59
N LYS A 456 -18.21 33.20 11.92
CA LYS A 456 -17.73 34.09 12.97
C LYS A 456 -17.83 33.40 14.33
N VAL A 457 -18.94 32.72 14.55
CA VAL A 457 -19.16 31.94 15.77
C VAL A 457 -18.22 30.74 15.87
N ALA A 458 -18.07 30.00 14.78
CA ALA A 458 -17.15 28.86 14.77
C ALA A 458 -15.71 29.32 15.01
N LYS A 459 -15.44 30.60 14.70
CA LYS A 459 -14.09 31.16 14.71
C LYS A 459 -13.22 30.48 13.66
N CYS A 460 -13.77 30.40 12.45
CA CYS A 460 -13.09 29.86 11.30
C CYS A 460 -13.74 30.39 10.05
N LEU A 461 -13.02 31.21 9.30
CA LEU A 461 -13.53 31.77 8.07
C LEU A 461 -13.12 30.88 6.90
N ILE A 462 -14.12 30.41 6.17
CA ILE A 462 -13.88 29.71 4.92
C ILE A 462 -13.04 30.59 4.00
N GLY A 463 -11.86 30.10 3.64
CA GLY A 463 -10.95 30.84 2.80
C GLY A 463 -10.00 31.74 3.58
N VAL A 464 -10.01 31.61 4.90
CA VAL A 464 -9.07 32.34 5.74
C VAL A 464 -8.37 31.39 6.70
N ASN A 465 -9.16 30.61 7.43
CA ASN A 465 -8.64 29.69 8.43
C ASN A 465 -8.75 28.24 7.98
N TYR A 466 -9.68 28.02 7.07
CA TYR A 466 -9.83 26.75 6.41
C TYR A 466 -9.98 27.11 4.94
N PRO A 467 -9.40 26.27 4.04
CA PRO A 467 -9.40 26.57 2.60
C PRO A 467 -10.78 26.67 2.00
N LYS A 468 -10.90 27.42 0.93
CA LYS A 468 -12.07 27.32 0.09
C LYS A 468 -12.09 25.96 -0.62
N PRO A 469 -13.30 25.41 -0.84
CA PRO A 469 -13.41 24.15 -1.59
C PRO A 469 -12.77 24.31 -2.97
N MET A 470 -11.75 23.49 -3.25
CA MET A 470 -10.94 23.66 -4.46
C MET A 470 -11.71 23.36 -5.74
N VAL A 471 -12.80 22.61 -5.62
CA VAL A 471 -13.65 22.36 -6.79
C VAL A 471 -15.12 22.56 -6.47
N ASN A 472 -15.87 23.05 -7.46
CA ASN A 472 -17.31 22.89 -7.43
C ASN A 472 -17.56 21.42 -7.70
N HIS A 473 -17.77 20.67 -6.63
CA HIS A 473 -17.84 19.21 -6.70
C HIS A 473 -18.86 18.67 -7.69
N ALA A 474 -20.07 19.21 -7.67
CA ALA A 474 -21.14 18.72 -8.55
C ALA A 474 -20.81 18.97 -10.02
N GLU A 475 -20.22 20.12 -10.29
CA GLU A 475 -19.82 20.49 -11.64
C GLU A 475 -18.68 19.60 -12.15
N ALA A 476 -17.70 19.36 -11.30
CA ALA A 476 -16.57 18.51 -11.65
C ALA A 476 -16.99 17.06 -11.82
N SER A 477 -17.94 16.60 -11.01
CA SER A 477 -18.44 15.22 -11.11
C SER A 477 -19.15 14.98 -12.42
N ARG A 478 -20.11 15.85 -12.73
CA ARG A 478 -20.83 15.72 -13.99
C ARG A 478 -19.84 15.76 -15.15
N LEU A 479 -18.89 16.68 -15.09
CA LEU A 479 -17.87 16.78 -16.13
C LEU A 479 -17.06 15.50 -16.26
N ASN A 480 -16.41 15.08 -15.17
CA ASN A 480 -15.57 13.88 -15.20
C ASN A 480 -16.31 12.62 -15.60
N ILE A 481 -17.56 12.49 -15.16
CA ILE A 481 -18.38 11.33 -15.51
C ILE A 481 -18.61 11.28 -17.02
N GLU A 482 -18.72 12.44 -17.64
CA GLU A 482 -18.78 12.50 -19.10
C GLU A 482 -17.43 12.13 -19.72
N ARG A 483 -16.35 12.59 -19.10
CA ARG A 483 -15.01 12.27 -19.58
C ARG A 483 -14.81 10.77 -19.62
N MET A 484 -15.33 10.09 -18.60
CA MET A 484 -15.25 8.64 -18.51
C MET A 484 -16.11 7.92 -19.53
N LYS A 485 -17.36 8.37 -19.68
CA LYS A 485 -18.25 7.78 -20.68
C LYS A 485 -17.56 7.74 -22.04
N GLN A 486 -17.06 8.89 -22.47
CA GLN A 486 -16.34 9.00 -23.73
C GLN A 486 -15.18 8.00 -23.78
N ILE A 487 -14.51 7.78 -22.66
CA ILE A 487 -13.41 6.79 -22.64
C ILE A 487 -13.88 5.35 -22.83
N TYR A 488 -14.89 4.93 -22.09
CA TYR A 488 -15.37 3.57 -22.20
C TYR A 488 -16.18 3.33 -23.45
N GLN A 489 -16.77 4.40 -24.01
CA GLN A 489 -17.38 4.30 -25.33
C GLN A 489 -16.32 3.92 -26.34
N GLN A 490 -15.19 4.62 -26.31
CA GLN A 490 -14.15 4.40 -27.31
C GLN A 490 -13.47 3.04 -27.12
N LEU A 491 -13.55 2.48 -25.92
CA LEU A 491 -13.04 1.14 -25.69
C LEU A 491 -13.90 0.11 -26.39
N SER A 492 -15.21 0.33 -26.37
CA SER A 492 -16.12 -0.62 -27.00
C SER A 492 -15.99 -0.54 -28.51
N ARG A 493 -15.86 0.68 -29.02
CA ARG A 493 -15.69 0.93 -30.44
C ARG A 493 -14.44 0.25 -30.99
N TYR A 494 -13.39 0.17 -30.19
CA TYR A 494 -12.15 -0.45 -30.68
C TYR A 494 -12.06 -1.93 -30.34
N ARG A 495 -12.71 -2.37 -29.26
CA ARG A 495 -12.87 -3.82 -29.01
C ARG A 495 -13.81 -4.49 -30.04
N GLY A 496 -14.38 -3.68 -30.94
CA GLY A 496 -15.30 -4.18 -31.94
C GLY A 496 -14.65 -4.84 -33.14
N ALA B 10 5.95 21.27 6.77
CA ALA B 10 4.60 20.75 6.51
C ALA B 10 4.48 19.25 6.80
N GLY B 11 5.58 18.63 7.20
CA GLY B 11 5.57 17.25 7.64
C GLY B 11 5.45 16.20 6.55
N LEU B 12 5.77 16.58 5.32
CA LEU B 12 5.61 15.65 4.22
C LEU B 12 6.92 15.27 3.55
N GLU B 13 8.04 15.41 4.25
CA GLU B 13 9.32 15.15 3.58
C GLU B 13 9.66 13.67 3.58
N VAL B 14 10.59 13.30 2.73
CA VAL B 14 10.96 11.90 2.63
C VAL B 14 12.47 11.81 2.63
N LEU B 15 12.99 10.62 2.90
CA LEU B 15 14.42 10.42 2.88
C LEU B 15 14.89 10.01 1.49
N PHE B 16 15.52 10.93 0.76
CA PHE B 16 16.13 10.58 -0.53
C PHE B 16 17.49 9.94 -0.28
N GLN B 17 17.98 9.17 -1.23
CA GLN B 17 19.37 8.79 -1.21
C GLN B 17 20.18 9.97 -1.73
N GLY B 18 21.16 10.41 -0.94
CA GLY B 18 22.00 11.52 -1.36
C GLY B 18 23.19 11.02 -2.17
N PRO B 19 24.35 11.68 -2.03
CA PRO B 19 25.58 11.13 -2.58
C PRO B 19 25.83 9.74 -2.02
N ASP B 20 26.83 9.02 -2.53
CA ASP B 20 27.13 7.67 -2.05
C ASP B 20 27.33 7.64 -0.53
N SER B 21 27.67 8.80 0.03
CA SER B 21 27.97 8.94 1.45
C SER B 21 26.73 8.83 2.37
N MET B 22 25.67 9.59 2.07
CA MET B 22 24.57 9.73 3.02
C MET B 22 23.15 9.75 2.44
N TYR B 23 22.18 9.93 3.33
CA TYR B 23 20.79 10.17 2.97
C TYR B 23 20.46 11.63 3.16
N VAL B 24 19.59 12.17 2.31
CA VAL B 24 19.20 13.56 2.37
C VAL B 24 17.71 13.72 2.63
N LEU B 25 17.35 14.43 3.70
CA LEU B 25 15.95 14.71 3.97
C LEU B 25 15.48 15.86 3.09
N GLN B 26 14.35 15.68 2.40
CA GLN B 26 13.86 16.69 1.44
C GLN B 26 12.40 16.45 1.07
N ASP B 27 11.70 17.51 0.67
CA ASP B 27 10.37 17.35 0.09
C ASP B 27 10.39 16.44 -1.15
N PRO B 28 9.32 15.66 -1.35
CA PRO B 28 9.21 14.84 -2.56
C PRO B 28 8.99 15.70 -3.79
N ILE B 29 9.41 15.23 -4.97
CA ILE B 29 9.35 16.01 -6.20
C ILE B 29 7.99 16.67 -6.47
N TRP B 30 6.90 15.95 -6.30
CA TRP B 30 5.58 16.53 -6.60
C TRP B 30 5.27 17.72 -5.71
N LEU B 31 5.90 17.76 -4.54
CA LEU B 31 5.70 18.85 -3.60
C LEU B 31 6.60 20.00 -4.00
N LEU B 32 7.86 19.67 -4.26
CA LEU B 32 8.85 20.64 -4.73
C LEU B 32 8.40 21.32 -6.03
N MET B 33 7.68 20.58 -6.88
CA MET B 33 7.18 21.12 -8.16
C MET B 33 5.95 21.99 -8.00
N ALA B 34 5.26 21.89 -6.88
CA ALA B 34 4.01 22.61 -6.72
C ALA B 34 4.23 23.94 -6.01
N ASN B 35 3.50 24.97 -6.43
CA ASN B 35 3.47 26.16 -5.60
C ASN B 35 2.51 25.94 -4.45
N THR B 36 3.10 25.92 -3.26
CA THR B 36 2.42 25.43 -2.09
C THR B 36 2.38 26.50 -1.01
N ASP B 37 2.53 27.76 -1.42
CA ASP B 37 2.47 28.85 -0.44
C ASP B 37 1.05 29.02 0.13
N ASP B 38 0.95 29.72 1.25
CA ASP B 38 -0.28 29.78 2.02
C ASP B 38 -1.55 30.13 1.25
N SER B 39 -1.50 31.07 0.32
CA SER B 39 -2.71 31.48 -0.40
C SER B 39 -3.36 30.33 -1.18
N ILE B 40 -2.63 29.76 -2.15
CA ILE B 40 -3.03 28.52 -2.86
C ILE B 40 -3.70 27.49 -1.94
N MET B 41 -3.05 27.19 -0.83
CA MET B 41 -3.56 26.19 0.10
C MET B 41 -4.92 26.54 0.70
N MET B 42 -5.22 27.83 0.79
CA MET B 42 -6.50 28.31 1.34
C MET B 42 -7.43 28.83 0.25
N THR B 43 -6.85 29.41 -0.80
CA THR B 43 -7.59 30.20 -1.78
C THR B 43 -7.73 29.60 -3.19
N TYR B 44 -6.92 28.61 -3.55
CA TYR B 44 -6.93 28.10 -4.92
C TYR B 44 -8.11 27.17 -5.24
N GLN B 45 -8.81 27.49 -6.32
CA GLN B 45 -9.88 26.66 -6.80
C GLN B 45 -9.63 26.37 -8.26
N LEU B 46 -10.01 25.18 -8.72
CA LEU B 46 -9.86 24.86 -10.13
C LEU B 46 -10.78 25.77 -10.93
N PRO B 47 -10.30 26.24 -12.09
CA PRO B 47 -11.15 27.05 -12.96
C PRO B 47 -12.36 26.26 -13.42
N SER B 48 -13.43 26.95 -13.78
CA SER B 48 -14.59 26.33 -14.38
C SER B 48 -14.33 26.25 -15.87
N ARG B 49 -14.43 25.06 -16.44
CA ARG B 49 -14.10 24.87 -17.84
C ARG B 49 -15.30 24.43 -18.66
N ASP B 50 -15.27 24.76 -19.95
CA ASP B 50 -16.33 24.41 -20.87
C ASP B 50 -16.32 22.89 -21.20
N LEU B 51 -17.45 22.22 -20.93
CA LEU B 51 -17.56 20.77 -21.02
C LEU B 51 -17.11 20.18 -22.37
N GLN B 52 -17.69 20.69 -23.46
CA GLN B 52 -17.41 20.13 -24.77
C GLN B 52 -15.96 20.35 -25.19
N ALA B 53 -15.46 21.54 -24.90
CA ALA B 53 -14.08 21.88 -25.20
C ALA B 53 -13.09 20.86 -24.62
N VAL B 54 -13.31 20.43 -23.38
CA VAL B 54 -12.45 19.41 -22.77
C VAL B 54 -12.71 17.99 -23.29
N LEU B 55 -13.96 17.66 -23.59
CA LEU B 55 -14.28 16.36 -24.23
C LEU B 55 -13.57 16.25 -25.57
N LYS B 56 -13.62 17.31 -26.35
CA LYS B 56 -13.02 17.31 -27.68
C LYS B 56 -11.50 17.27 -27.54
N GLU B 57 -10.98 18.03 -26.59
CA GLU B 57 -9.54 17.96 -26.31
C GLU B 57 -9.14 16.56 -25.82
N ASP B 58 -9.96 15.95 -24.97
CA ASP B 58 -9.74 14.56 -24.56
C ASP B 58 -9.77 13.62 -25.77
N GLN B 59 -10.75 13.80 -26.63
CA GLN B 59 -10.93 12.88 -27.76
C GLN B 59 -9.72 12.90 -28.69
N GLU B 60 -9.16 14.08 -28.90
CA GLU B 60 -7.90 14.18 -29.62
C GLU B 60 -6.85 13.24 -29.00
N LYS B 61 -6.76 13.24 -27.67
CA LYS B 61 -5.79 12.41 -26.94
C LYS B 61 -6.08 10.93 -27.05
N LEU B 62 -7.36 10.59 -26.90
CA LEU B 62 -7.80 9.21 -27.01
C LEU B 62 -7.42 8.52 -28.33
N LYS B 63 -7.34 9.29 -29.40
CA LYS B 63 -7.01 8.69 -30.69
C LYS B 63 -5.55 8.27 -30.65
N LEU B 64 -4.76 8.99 -29.86
CA LEU B 64 -3.36 8.69 -29.72
C LEU B 64 -3.14 7.54 -28.72
N LEU B 65 -4.09 7.35 -27.81
CA LEU B 65 -3.95 6.33 -26.78
C LEU B 65 -4.66 5.05 -27.21
N GLN B 66 -5.31 5.11 -28.35
CA GLN B 66 -6.16 4.04 -28.89
C GLN B 66 -5.49 2.66 -29.10
N ARG B 67 -4.23 2.66 -29.55
CA ARG B 67 -3.57 1.41 -29.86
C ARG B 67 -2.89 0.82 -28.63
N SER B 68 -2.79 1.60 -27.57
CA SER B 68 -2.30 1.00 -26.34
C SER B 68 -3.37 0.64 -25.32
N GLN B 69 -4.64 0.66 -25.70
CA GLN B 69 -5.67 0.20 -24.80
C GLN B 69 -5.49 -1.29 -24.54
N PRO B 70 -6.07 -1.80 -23.43
CA PRO B 70 -5.81 -3.21 -23.11
C PRO B 70 -6.47 -4.10 -24.12
N ARG B 71 -5.87 -5.24 -24.42
CA ARG B 71 -6.52 -6.25 -25.26
C ARG B 71 -6.77 -7.50 -24.42
N PHE B 72 -7.98 -8.04 -24.54
CA PHE B 72 -8.37 -9.20 -23.76
C PHE B 72 -8.26 -10.50 -24.56
N THR B 73 -7.55 -11.47 -24.00
CA THR B 73 -7.47 -12.78 -24.62
C THR B 73 -8.80 -13.52 -24.43
N GLU B 74 -8.88 -14.73 -24.98
CA GLU B 74 -10.08 -15.55 -24.83
C GLU B 74 -10.35 -15.85 -23.36
N GLY B 75 -9.34 -16.36 -22.66
CA GLY B 75 -9.46 -16.63 -21.24
C GLY B 75 -9.81 -15.40 -20.40
N GLN B 76 -9.20 -14.27 -20.71
CA GLN B 76 -9.53 -13.07 -19.95
C GLN B 76 -10.97 -12.63 -20.26
N ARG B 77 -11.43 -12.79 -21.50
CA ARG B 77 -12.80 -12.44 -21.82
C ARG B 77 -13.77 -13.30 -21.02
N ARG B 78 -13.41 -14.57 -20.85
CA ARG B 78 -14.18 -15.47 -20.00
C ARG B 78 -14.26 -14.96 -18.54
N GLU B 79 -13.13 -14.60 -17.95
CA GLU B 79 -13.09 -14.10 -16.57
C GLU B 79 -13.94 -12.85 -16.42
N LEU B 80 -13.93 -12.01 -17.44
CA LEU B 80 -14.53 -10.69 -17.38
C LEU B 80 -16.04 -10.71 -17.55
N ARG B 81 -16.55 -11.80 -18.09
CA ARG B 81 -17.97 -11.91 -18.44
C ARG B 81 -18.91 -11.67 -17.23
N GLU B 82 -18.63 -12.32 -16.11
CA GLU B 82 -19.50 -12.20 -14.94
C GLU B 82 -19.04 -11.15 -13.94
N VAL B 83 -17.99 -10.41 -14.29
CA VAL B 83 -17.51 -9.34 -13.42
C VAL B 83 -17.67 -7.97 -14.07
N HIS B 84 -17.41 -7.88 -15.37
CA HIS B 84 -17.60 -6.62 -16.08
C HIS B 84 -18.44 -6.86 -17.34
N PRO B 85 -19.76 -7.07 -17.18
CA PRO B 85 -20.68 -7.43 -18.26
C PRO B 85 -20.56 -6.54 -19.48
N TRP B 86 -20.25 -5.27 -19.26
CA TRP B 86 -20.13 -4.29 -20.35
C TRP B 86 -19.09 -4.67 -21.41
N VAL B 87 -18.20 -5.60 -21.09
CA VAL B 87 -17.18 -6.06 -22.03
C VAL B 87 -17.76 -6.79 -23.24
N HIS B 88 -18.61 -7.78 -22.98
CA HIS B 88 -19.19 -8.60 -24.03
C HIS B 88 -20.51 -8.01 -24.54
N THR B 89 -20.97 -6.96 -23.88
CA THR B 89 -22.26 -6.35 -24.18
C THR B 89 -22.09 -5.10 -25.04
N GLY B 90 -21.01 -4.37 -24.81
CA GLY B 90 -20.66 -3.25 -25.67
C GLY B 90 -21.14 -1.92 -25.13
N GLY B 91 -21.97 -1.97 -24.11
CA GLY B 91 -22.44 -0.75 -23.49
C GLY B 91 -21.45 -0.16 -22.49
N LEU B 92 -21.93 0.79 -21.69
CA LEU B 92 -21.15 1.42 -20.65
C LEU B 92 -21.28 0.58 -19.39
N PRO B 93 -20.22 0.55 -18.57
CA PRO B 93 -20.30 -0.11 -17.26
C PRO B 93 -21.41 0.51 -16.40
N THR B 94 -22.09 -0.30 -15.59
CA THR B 94 -23.25 0.17 -14.82
C THR B 94 -22.92 1.35 -13.94
N ALA B 95 -21.88 1.19 -13.14
CA ALA B 95 -21.51 2.16 -12.14
C ALA B 95 -21.11 3.52 -12.71
N ILE B 96 -20.90 3.58 -14.03
CA ILE B 96 -20.39 4.81 -14.64
C ILE B 96 -21.38 5.43 -15.62
N ASP B 97 -22.52 4.77 -15.82
CA ASP B 97 -23.58 5.30 -16.67
C ASP B 97 -24.58 6.05 -15.82
N VAL B 98 -24.20 7.25 -15.39
CA VAL B 98 -25.04 8.08 -14.53
C VAL B 98 -24.87 9.53 -14.96
N THR B 99 -25.51 10.46 -14.26
CA THR B 99 -25.41 11.86 -14.64
C THR B 99 -24.30 12.59 -13.87
N GLY B 100 -23.97 12.06 -12.70
CA GLY B 100 -22.93 12.65 -11.89
C GLY B 100 -22.92 11.96 -10.54
N CYS B 101 -22.44 12.64 -9.51
CA CYS B 101 -22.44 12.08 -8.17
C CYS B 101 -23.84 11.65 -7.77
N VAL B 102 -24.00 10.35 -7.55
CA VAL B 102 -25.31 9.76 -7.31
C VAL B 102 -25.98 10.29 -6.03
N TYR B 103 -25.17 10.55 -5.02
CA TYR B 103 -25.68 11.10 -3.76
C TYR B 103 -26.33 12.47 -3.98
N CYS B 104 -25.64 13.33 -4.70
CA CYS B 104 -26.12 14.70 -4.95
C CYS B 104 -27.39 14.76 -5.80
N GLU B 105 -27.63 13.71 -6.59
CA GLU B 105 -28.71 13.73 -7.58
C GLU B 105 -29.65 12.53 -7.45
ZN ZN C . -21.53 14.56 -4.49
CL CL D . 6.08 -12.56 -2.72
O1 P6G E . 16.75 -4.38 -9.87
C2 P6G E . 17.80 -3.64 -10.51
C3 P6G E . 18.82 -3.18 -9.47
O4 P6G E . 19.90 -2.44 -10.08
C5 P6G E . 20.70 -1.87 -9.05
C6 P6G E . 20.66 -0.34 -9.13
O7 P6G E . 19.31 0.14 -9.01
C8 P6G E . 18.92 0.47 -10.35
C9 P6G E . 18.38 1.91 -10.41
O10 P6G E . 17.22 2.02 -9.58
C11 P6G E . 16.10 2.18 -10.45
C12 P6G E . 14.82 2.07 -9.62
O13 P6G E . 14.83 3.08 -8.62
C14 P6G E . 13.70 2.92 -7.76
C15 P6G E . 13.72 1.52 -7.11
O16 P6G E . 14.94 1.38 -6.35
C17 P6G E . 14.81 0.26 -5.49
C18 P6G E . 16.12 0.01 -4.73
O19 P6G E . 15.95 -1.13 -3.88
#